data_4QOS
#
_entry.id   4QOS
#
_cell.length_a   113.385
_cell.length_b   113.385
_cell.length_c   39.326
_cell.angle_alpha   90.0
_cell.angle_beta   90.0
_cell.angle_gamma   120.0
#
_symmetry.space_group_name_H-M   'P 65'
#
loop_
_entity.id
_entity.type
_entity.pdbx_description
1 polymer 'Psp operon transcriptional activator'
2 non-polymer "ADENOSINE-5'-DIPHOSPHATE"
3 non-polymer GLYCEROL
4 non-polymer '4-(2-HYDROXYETHYL)-1-PIPERAZINE ETHANESULFONIC ACID'
5 water water
#
_entity_poly.entity_id   1
_entity_poly.type   'polypeptide(L)'
_entity_poly.pdbx_seq_one_letter_code
;MAEYKDNLLGEANSFLEVLEQVSHLAPLDKPVLIIGERGTGKELIASRLHYLSSRWQGPFISLNCAALNENLLDSELFGH
EAGAFTGAQKRHPGRFERADGGTLFLDQLATAPMMVQEKLLRVIEYGELERVGGSQPLQVNVRLVCATNADLPAMVNEGT
FRADLLDRLAFDVVQLPPLRERESDIMLMAEYFAIQMCREIKLPLFPGFTERARETLLNYRWPGNIRELKNVVERSVYRH
GTSDYPLDDIIIDPFKRRPPEDAIA
;
_entity_poly.pdbx_strand_id   A
#
# COMPACT_ATOMS: atom_id res chain seq x y z
N LEU A 8 12.13 0.77 -4.45
CA LEU A 8 12.97 1.12 -3.30
C LEU A 8 13.53 2.53 -3.42
N LEU A 9 12.96 3.32 -4.32
CA LEU A 9 13.50 4.65 -4.61
C LEU A 9 13.12 5.68 -3.55
N GLY A 10 14.05 6.58 -3.26
CA GLY A 10 13.80 7.65 -2.32
C GLY A 10 14.99 7.90 -1.44
N GLU A 11 15.19 9.16 -1.12
CA GLU A 11 16.25 9.57 -0.23
C GLU A 11 15.71 10.59 0.75
N ALA A 12 14.41 10.89 0.66
CA ALA A 12 13.85 11.90 1.53
C ALA A 12 13.93 11.32 2.92
N ASN A 13 14.31 12.15 3.88
CA ASN A 13 14.51 11.71 5.25
C ASN A 13 13.30 10.99 5.78
N SER A 14 12.12 11.53 5.46
CA SER A 14 10.87 10.96 5.93
C SER A 14 10.68 9.52 5.45
N PHE A 15 11.04 9.25 4.19
CA PHE A 15 10.99 7.89 3.67
C PHE A 15 12.02 6.96 4.30
N LEU A 16 13.25 7.46 4.46
CA LEU A 16 14.27 6.65 5.10
C LEU A 16 13.89 6.29 6.56
N GLU A 17 13.26 7.22 7.27
CA GLU A 17 12.78 6.93 8.61
C GLU A 17 11.74 5.81 8.63
N VAL A 18 10.84 5.79 7.63
CA VAL A 18 9.91 4.68 7.48
C VAL A 18 10.65 3.36 7.31
N LEU A 19 11.68 3.34 6.47
CA LEU A 19 12.38 2.10 6.25
C LEU A 19 13.06 1.59 7.52
N GLU A 20 13.64 2.53 8.27
CA GLU A 20 14.24 2.21 9.56
C GLU A 20 13.19 1.61 10.50
N GLN A 21 12.05 2.27 10.60
CA GLN A 21 10.96 1.79 11.43
C GLN A 21 10.52 0.37 11.06
N VAL A 22 10.34 0.14 9.76
CA VAL A 22 9.96 -1.16 9.25
C VAL A 22 10.97 -2.25 9.63
N SER A 23 12.26 -1.91 9.59
CA SER A 23 13.28 -2.89 9.93
C SER A 23 13.16 -3.36 11.39
N HIS A 24 12.71 -2.48 12.27
CA HIS A 24 12.55 -2.81 13.68
C HIS A 24 11.22 -3.52 13.95
N LEU A 25 10.17 -3.15 13.20
CA LEU A 25 8.85 -3.75 13.39
C LEU A 25 8.73 -5.15 12.79
N ALA A 26 9.44 -5.38 11.70
CA ALA A 26 9.26 -6.64 10.95
C ALA A 26 9.40 -7.91 11.80
N PRO A 27 10.42 -8.01 12.69
CA PRO A 27 10.59 -9.25 13.45
C PRO A 27 9.55 -9.51 14.53
N LEU A 28 8.75 -8.52 14.88
CA LEU A 28 7.69 -8.73 15.85
C LEU A 28 6.49 -9.48 15.25
N ASP A 29 5.73 -10.17 16.09
CA ASP A 29 4.47 -10.82 15.64
C ASP A 29 3.24 -9.91 15.83
N LYS A 30 3.52 -8.66 16.13
CA LYS A 30 2.50 -7.68 16.45
C LYS A 30 1.90 -7.07 15.18
N PRO A 31 0.61 -6.73 15.24
CA PRO A 31 -0.03 -6.07 14.08
C PRO A 31 0.52 -4.68 13.84
N VAL A 32 0.61 -4.32 12.56
CA VAL A 32 1.09 -3.03 12.14
C VAL A 32 0.05 -2.36 11.26
N LEU A 33 -0.21 -1.08 11.53
CA LEU A 33 -1.11 -0.29 10.72
C LEU A 33 -0.28 0.66 9.89
N ILE A 34 -0.55 0.68 8.59
CA ILE A 34 0.12 1.58 7.65
C ILE A 34 -0.87 2.63 7.18
N ILE A 35 -0.53 3.92 7.34
CA ILE A 35 -1.39 5.02 6.95
C ILE A 35 -0.74 5.71 5.75
N GLY A 36 -1.48 5.88 4.68
CA GLY A 36 -0.95 6.59 3.54
C GLY A 36 -1.92 6.64 2.39
N GLU A 37 -1.72 7.62 1.54
CA GLU A 37 -2.52 7.80 0.34
C GLU A 37 -2.31 6.69 -0.69
N ARG A 38 -3.20 6.62 -1.67
CA ARG A 38 -3.02 5.67 -2.74
C ARG A 38 -1.69 5.92 -3.45
N GLY A 39 -1.02 4.84 -3.85
CA GLY A 39 0.17 4.96 -4.64
C GLY A 39 1.41 5.35 -3.85
N THR A 40 1.39 5.24 -2.51
CA THR A 40 2.53 5.63 -1.69
C THR A 40 3.42 4.47 -1.31
N GLY A 41 3.03 3.26 -1.70
CA GLY A 41 3.83 2.08 -1.46
C GLY A 41 3.39 1.21 -0.28
N LYS A 42 2.12 1.29 0.12
CA LYS A 42 1.68 0.56 1.32
C LYS A 42 1.83 -0.95 1.21
N GLU A 43 1.41 -1.53 0.10
CA GLU A 43 1.56 -2.96 -0.05
C GLU A 43 3.03 -3.36 -0.17
N LEU A 44 3.86 -2.52 -0.77
CA LEU A 44 5.30 -2.81 -0.83
C LEU A 44 5.89 -2.85 0.60
N ILE A 45 5.45 -1.93 1.46
CA ILE A 45 5.91 -1.90 2.83
C ILE A 45 5.40 -3.12 3.61
N ALA A 46 4.15 -3.51 3.38
CA ALA A 46 3.62 -4.73 4.00
C ALA A 46 4.46 -5.96 3.63
N SER A 47 4.81 -6.02 2.34
CA SER A 47 5.66 -7.10 1.82
C SER A 47 7.02 -7.11 2.50
N ARG A 48 7.58 -5.92 2.67
CA ARG A 48 8.88 -5.78 3.35
C ARG A 48 8.79 -6.22 4.79
N LEU A 49 7.72 -5.88 5.48
CA LEU A 49 7.52 -6.38 6.82
C LEU A 49 7.56 -7.90 6.85
N HIS A 50 6.90 -8.55 5.91
CA HIS A 50 6.90 -10.00 5.86
C HIS A 50 8.29 -10.59 5.59
N TYR A 51 8.95 -10.10 4.57
CA TYR A 51 10.22 -10.69 4.15
C TYR A 51 11.38 -10.40 5.10
N LEU A 52 11.26 -9.33 5.90
CA LEU A 52 12.24 -9.07 6.96
C LEU A 52 11.89 -9.69 8.30
N SER A 53 10.79 -10.44 8.34
CA SER A 53 10.35 -11.08 9.58
C SER A 53 10.82 -12.52 9.62
N SER A 54 10.59 -13.17 10.75
CA SER A 54 10.92 -14.59 10.88
C SER A 54 9.99 -15.46 10.05
N ARG A 55 8.88 -14.87 9.58
CA ARG A 55 7.86 -15.60 8.82
C ARG A 55 8.09 -15.58 7.33
N TRP A 56 9.27 -15.12 6.91
CA TRP A 56 9.52 -14.83 5.50
C TRP A 56 9.32 -15.99 4.51
N GLN A 57 9.44 -17.23 5.01
CA GLN A 57 9.22 -18.40 4.17
C GLN A 57 7.77 -18.88 4.23
N GLY A 58 6.97 -18.23 5.08
CA GLY A 58 5.53 -18.48 5.11
C GLY A 58 4.81 -17.68 4.05
N PRO A 59 3.49 -17.87 3.96
CA PRO A 59 2.70 -17.19 2.93
C PRO A 59 2.54 -15.69 3.20
N PHE A 60 2.51 -14.90 2.14
CA PHE A 60 2.11 -13.49 2.17
C PHE A 60 0.81 -13.34 1.38
N ILE A 61 -0.29 -13.09 2.11
CA ILE A 61 -1.63 -13.06 1.54
C ILE A 61 -2.16 -11.64 1.67
N SER A 62 -2.85 -11.14 0.64
CA SER A 62 -3.43 -9.81 0.65
C SER A 62 -4.92 -9.90 0.38
N LEU A 63 -5.66 -8.94 0.93
CA LEU A 63 -7.09 -8.81 0.67
C LEU A 63 -7.44 -7.32 0.70
N ASN A 64 -8.12 -6.83 -0.33
CA ASN A 64 -8.64 -5.47 -0.34
C ASN A 64 -10.08 -5.49 0.20
N CYS A 65 -10.27 -4.87 1.36
CA CYS A 65 -11.58 -4.86 2.03
C CYS A 65 -12.65 -4.06 1.29
N ALA A 66 -12.25 -3.10 0.49
CA ALA A 66 -13.21 -2.23 -0.20
C ALA A 66 -13.81 -2.90 -1.40
N ALA A 67 -13.13 -3.94 -1.89
CA ALA A 67 -13.50 -4.54 -3.17
C ALA A 67 -14.73 -5.44 -3.09
N LEU A 68 -15.03 -5.96 -1.91
CA LEU A 68 -16.06 -6.98 -1.74
C LEU A 68 -17.24 -6.48 -0.95
N ASN A 69 -18.45 -6.86 -1.36
CA ASN A 69 -19.62 -6.60 -0.54
C ASN A 69 -19.51 -7.34 0.80
N GLU A 70 -20.35 -6.97 1.77
CA GLU A 70 -20.19 -7.45 3.14
C GLU A 70 -20.19 -8.97 3.28
N ASN A 71 -21.11 -9.66 2.62
CA ASN A 71 -21.17 -11.10 2.80
C ASN A 71 -20.01 -11.82 2.13
N LEU A 72 -19.57 -11.30 0.98
CA LEU A 72 -18.43 -11.86 0.28
C LEU A 72 -17.14 -11.57 1.06
N LEU A 73 -17.04 -10.40 1.69
CA LEU A 73 -15.83 -10.08 2.47
C LEU A 73 -15.74 -11.00 3.67
N ASP A 74 -16.86 -11.21 4.32
CA ASP A 74 -16.94 -12.13 5.43
C ASP A 74 -16.44 -13.53 5.05
N SER A 75 -16.95 -14.06 3.93
CA SER A 75 -16.53 -15.39 3.48
C SER A 75 -15.08 -15.43 3.03
N GLU A 76 -14.62 -14.40 2.34
CA GLU A 76 -13.24 -14.38 1.86
C GLU A 76 -12.22 -14.30 2.99
N LEU A 77 -12.57 -13.60 4.06
CA LEU A 77 -11.65 -13.40 5.18
C LEU A 77 -11.69 -14.58 6.14
N PHE A 78 -12.90 -15.03 6.51
CA PHE A 78 -13.04 -16.02 7.58
C PHE A 78 -13.38 -17.45 7.09
N GLY A 79 -13.62 -17.57 5.80
CA GLY A 79 -13.96 -18.86 5.19
C GLY A 79 -15.45 -19.17 5.28
N HIS A 80 -15.88 -20.22 4.60
CA HIS A 80 -17.24 -20.74 4.82
C HIS A 80 -17.33 -22.23 4.52
N GLU A 81 -18.38 -22.84 5.08
CA GLU A 81 -18.67 -24.26 4.89
C GLU A 81 -17.63 -25.15 5.58
N ARG A 91 -14.27 -27.14 1.90
CA ARG A 91 -14.85 -25.82 2.15
C ARG A 91 -14.15 -24.76 1.32
N HIS A 92 -14.47 -23.51 1.59
CA HIS A 92 -13.77 -22.37 1.00
C HIS A 92 -12.91 -21.77 2.09
N PRO A 93 -11.60 -22.07 2.08
CA PRO A 93 -10.77 -21.49 3.14
C PRO A 93 -10.62 -19.99 2.92
N GLY A 94 -10.69 -19.23 4.01
CA GLY A 94 -10.58 -17.79 3.92
C GLY A 94 -9.13 -17.38 4.01
N ARG A 95 -8.89 -16.08 3.89
CA ARG A 95 -7.54 -15.54 3.80
C ARG A 95 -6.74 -15.72 5.09
N PHE A 96 -7.38 -15.74 6.26
CA PHE A 96 -6.67 -16.07 7.51
C PHE A 96 -6.09 -17.49 7.45
N GLU A 97 -6.89 -18.43 7.00
CA GLU A 97 -6.41 -19.82 6.83
C GLU A 97 -5.25 -19.92 5.88
N ARG A 98 -5.34 -19.27 4.74
CA ARG A 98 -4.29 -19.29 3.73
C ARG A 98 -3.03 -18.62 4.22
N ALA A 99 -3.15 -17.72 5.19
CA ALA A 99 -1.99 -16.99 5.71
C ALA A 99 -1.37 -17.64 6.95
N ASP A 100 -1.87 -18.81 7.37
CA ASP A 100 -1.37 -19.47 8.57
C ASP A 100 0.15 -19.66 8.47
N GLY A 101 0.86 -19.26 9.53
CA GLY A 101 2.32 -19.30 9.53
C GLY A 101 2.98 -18.17 8.76
N GLY A 102 2.17 -17.24 8.25
CA GLY A 102 2.66 -16.13 7.47
C GLY A 102 2.06 -14.78 7.87
N THR A 103 1.86 -13.94 6.86
CA THR A 103 1.39 -12.57 7.03
C THR A 103 0.17 -12.33 6.15
N LEU A 104 -0.84 -11.68 6.73
CA LEU A 104 -2.01 -11.23 6.00
C LEU A 104 -2.05 -9.71 5.94
N PHE A 105 -2.15 -9.17 4.72
CA PHE A 105 -2.24 -7.74 4.47
C PHE A 105 -3.67 -7.37 4.12
N LEU A 106 -4.32 -6.55 4.96
CA LEU A 106 -5.67 -6.05 4.71
C LEU A 106 -5.63 -4.61 4.28
N ASP A 107 -5.92 -4.33 3.03
CA ASP A 107 -5.92 -2.98 2.49
C ASP A 107 -7.31 -2.35 2.58
N GLN A 108 -7.33 -1.03 2.65
CA GLN A 108 -8.57 -0.24 2.76
C GLN A 108 -9.39 -0.71 3.95
N LEU A 109 -8.70 -0.83 5.07
CA LEU A 109 -9.31 -1.39 6.27
C LEU A 109 -10.55 -0.63 6.73
N ALA A 110 -10.54 0.69 6.58
CA ALA A 110 -11.64 1.52 7.08
C ALA A 110 -12.94 1.30 6.36
N THR A 111 -12.91 0.60 5.24
CA THR A 111 -14.14 0.24 4.52
C THR A 111 -14.77 -1.05 5.02
N ALA A 112 -14.10 -1.75 5.94
CA ALA A 112 -14.65 -3.00 6.45
C ALA A 112 -15.94 -2.71 7.23
N PRO A 113 -17.03 -3.45 6.94
CA PRO A 113 -18.26 -3.24 7.70
C PRO A 113 -18.05 -3.56 9.17
N MET A 114 -18.91 -3.00 10.01
CA MET A 114 -18.75 -3.16 11.44
C MET A 114 -18.87 -4.64 11.85
N MET A 115 -19.66 -5.46 11.15
CA MET A 115 -19.69 -6.89 11.41
C MET A 115 -18.33 -7.55 11.24
N VAL A 116 -17.67 -7.21 10.15
CA VAL A 116 -16.35 -7.75 9.87
C VAL A 116 -15.29 -7.26 10.88
N GLN A 117 -15.40 -6.00 11.28
CA GLN A 117 -14.50 -5.45 12.32
C GLN A 117 -14.58 -6.23 13.62
N GLU A 118 -15.79 -6.54 14.05
CA GLU A 118 -15.93 -7.28 15.30
C GLU A 118 -15.37 -8.68 15.17
N LYS A 119 -15.64 -9.33 14.03
CA LYS A 119 -15.11 -10.68 13.82
C LYS A 119 -13.60 -10.68 13.71
N LEU A 120 -13.04 -9.63 13.11
CA LEU A 120 -11.59 -9.47 13.03
C LEU A 120 -10.97 -9.36 14.42
N LEU A 121 -11.60 -8.58 15.30
CA LEU A 121 -11.11 -8.45 16.66
C LEU A 121 -11.15 -9.80 17.37
N ARG A 122 -12.22 -10.56 17.17
CA ARG A 122 -12.34 -11.89 17.79
C ARG A 122 -11.19 -12.80 17.34
N VAL A 123 -10.84 -12.78 16.05
CA VAL A 123 -9.75 -13.62 15.57
C VAL A 123 -8.41 -13.18 16.18
N ILE A 124 -8.18 -11.87 16.26
CA ILE A 124 -6.95 -11.33 16.82
C ILE A 124 -6.79 -11.72 18.29
N GLU A 125 -7.88 -11.69 19.04
CA GLU A 125 -7.79 -11.83 20.51
C GLU A 125 -7.88 -13.29 20.97
N TYR A 126 -8.60 -14.12 20.23
CA TYR A 126 -8.74 -15.55 20.57
C TYR A 126 -7.93 -16.50 19.67
N GLY A 127 -7.44 -16.01 18.54
CA GLY A 127 -6.55 -16.78 17.69
C GLY A 127 -7.19 -17.95 16.97
N GLU A 128 -8.51 -17.92 16.80
CA GLU A 128 -9.20 -19.01 16.11
C GLU A 128 -10.34 -18.49 15.26
N LEU A 129 -10.70 -19.26 14.25
CA LEU A 129 -11.86 -18.97 13.41
C LEU A 129 -13.03 -19.79 13.93
N GLU A 130 -14.18 -19.16 14.08
CA GLU A 130 -15.38 -19.87 14.50
C GLU A 130 -15.94 -20.61 13.30
N ARG A 131 -16.52 -21.79 13.53
CA ARG A 131 -17.00 -22.60 12.42
N VAL A 132 -19.21 -23.02 11.50
CA VAL A 132 -20.59 -23.46 11.54
C VAL A 132 -20.67 -24.93 11.14
N GLY A 133 -21.62 -25.65 11.72
CA GLY A 133 -21.75 -27.07 11.47
C GLY A 133 -21.09 -27.88 12.56
N GLY A 134 -20.63 -29.07 12.21
CA GLY A 134 -20.01 -29.95 13.18
C GLY A 134 -18.52 -29.76 13.36
N SER A 135 -17.94 -28.86 12.59
CA SER A 135 -16.49 -28.63 12.62
C SER A 135 -16.02 -27.92 13.89
N GLN A 136 -14.85 -28.32 14.38
CA GLN A 136 -14.21 -27.63 15.49
C GLN A 136 -13.59 -26.33 14.97
N PRO A 137 -13.40 -25.36 15.87
CA PRO A 137 -12.79 -24.09 15.42
C PRO A 137 -11.41 -24.32 14.84
N LEU A 138 -10.98 -23.41 13.96
CA LEU A 138 -9.67 -23.47 13.34
C LEU A 138 -8.75 -22.47 14.02
N GLN A 139 -7.70 -22.95 14.66
CA GLN A 139 -6.70 -22.08 15.25
C GLN A 139 -5.83 -21.54 14.12
N VAL A 140 -5.52 -20.25 14.16
CA VAL A 140 -4.66 -19.65 13.14
C VAL A 140 -3.56 -18.80 13.76
N ASN A 141 -2.46 -18.73 13.03
CA ASN A 141 -1.24 -18.09 13.49
C ASN A 141 -0.75 -17.15 12.39
N VAL A 142 -1.24 -15.91 12.43
CA VAL A 142 -1.07 -14.98 11.33
C VAL A 142 -0.60 -13.64 11.85
N ARG A 143 0.39 -13.07 11.18
CA ARG A 143 0.85 -11.72 11.49
C ARG A 143 0.08 -10.76 10.60
N LEU A 144 -0.58 -9.79 11.21
CA LEU A 144 -1.48 -8.89 10.51
C LEU A 144 -0.82 -7.56 10.18
N VAL A 145 -1.02 -7.10 8.95
CA VAL A 145 -0.65 -5.76 8.55
C VAL A 145 -1.86 -5.16 7.87
N CYS A 146 -2.26 -3.94 8.22
CA CYS A 146 -3.43 -3.32 7.61
C CYS A 146 -3.05 -1.95 7.10
N ALA A 147 -3.79 -1.45 6.12
CA ALA A 147 -3.54 -0.12 5.56
C ALA A 147 -4.82 0.62 5.33
N THR A 148 -4.74 1.95 5.43
CA THR A 148 -5.84 2.86 5.15
C THR A 148 -5.29 4.28 4.94
N ASN A 149 -6.08 5.20 4.38
CA ASN A 149 -5.76 6.62 4.52
C ASN A 149 -6.80 7.37 5.33
N ALA A 150 -7.72 6.64 5.94
CA ALA A 150 -8.72 7.27 6.78
C ALA A 150 -8.13 7.76 8.10
N ASP A 151 -8.82 8.71 8.71
CA ASP A 151 -8.58 9.11 10.09
C ASP A 151 -9.38 8.15 10.99
N LEU A 152 -8.71 7.09 11.43
CA LEU A 152 -9.39 6.06 12.21
C LEU A 152 -9.89 6.56 13.57
N PRO A 153 -9.09 7.37 14.28
CA PRO A 153 -9.64 7.93 15.51
C PRO A 153 -10.90 8.76 15.28
N ALA A 154 -10.97 9.49 14.17
CA ALA A 154 -12.17 10.23 13.82
C ALA A 154 -13.34 9.30 13.56
N MET A 155 -13.09 8.17 12.91
CA MET A 155 -14.15 7.21 12.65
C MET A 155 -14.63 6.54 13.93
N VAL A 156 -13.71 6.35 14.87
CA VAL A 156 -14.12 5.84 16.17
C VAL A 156 -15.15 6.78 16.80
N ASN A 157 -14.85 8.07 16.78
CA ASN A 157 -15.78 9.04 17.36
C ASN A 157 -17.16 9.05 16.68
N GLU A 158 -17.17 8.82 15.37
CA GLU A 158 -18.40 8.75 14.59
C GLU A 158 -19.15 7.44 14.77
N GLY A 159 -18.48 6.42 15.30
CA GLY A 159 -19.10 5.12 15.49
C GLY A 159 -19.04 4.26 14.25
N THR A 160 -18.14 4.59 13.32
CA THR A 160 -18.01 3.81 12.08
C THR A 160 -16.74 2.94 12.07
N PHE A 161 -15.93 3.03 13.12
CA PHE A 161 -14.82 2.09 13.32
C PHE A 161 -14.84 1.71 14.79
N ARG A 162 -14.63 0.44 15.10
CA ARG A 162 -14.67 -0.04 16.48
C ARG A 162 -13.47 0.43 17.27
N ALA A 163 -13.74 1.07 18.41
CA ALA A 163 -12.69 1.54 19.29
C ALA A 163 -11.83 0.38 19.82
N ASP A 164 -12.49 -0.72 20.20
CA ASP A 164 -11.75 -1.88 20.70
C ASP A 164 -10.83 -2.51 19.66
N LEU A 165 -11.27 -2.56 18.40
CA LEU A 165 -10.42 -3.06 17.32
C LEU A 165 -9.22 -2.16 17.15
N LEU A 166 -9.42 -0.84 17.17
CA LEU A 166 -8.28 0.07 17.02
C LEU A 166 -7.33 -0.03 18.20
N ASP A 167 -7.87 -0.21 19.40
CA ASP A 167 -7.06 -0.22 20.62
C ASP A 167 -6.09 -1.37 20.57
N ARG A 168 -6.40 -2.36 19.72
CA ARG A 168 -5.66 -3.61 19.64
C ARG A 168 -4.83 -3.71 18.36
N LEU A 169 -5.41 -3.26 17.25
CA LEU A 169 -4.79 -3.39 15.95
C LEU A 169 -3.60 -2.46 15.76
N ALA A 170 -3.70 -1.25 16.27
CA ALA A 170 -2.67 -0.26 16.12
C ALA A 170 -1.56 -0.43 17.19
N PHE A 171 -0.88 -1.55 17.16
CA PHE A 171 0.28 -1.74 18.05
C PHE A 171 1.30 -0.69 17.72
N ASP A 172 1.59 -0.49 16.43
CA ASP A 172 2.30 0.69 16.01
C ASP A 172 1.84 1.05 14.61
N VAL A 173 2.22 2.25 14.20
CA VAL A 173 1.70 2.89 13.00
C VAL A 173 2.85 3.38 12.16
N VAL A 174 2.84 2.98 10.90
CA VAL A 174 3.80 3.45 9.91
C VAL A 174 3.08 4.48 9.04
N GLN A 175 3.58 5.72 9.00
CA GLN A 175 2.93 6.76 8.23
C GLN A 175 3.75 7.04 6.98
N LEU A 176 3.21 6.70 5.82
CA LEU A 176 3.96 6.88 4.57
C LEU A 176 3.73 8.28 4.05
N PRO A 177 4.83 9.01 3.78
CA PRO A 177 4.62 10.37 3.28
C PRO A 177 4.13 10.41 1.84
N PRO A 178 3.23 11.32 1.51
CA PRO A 178 2.82 11.47 0.11
C PRO A 178 3.98 12.09 -0.66
N LEU A 179 3.96 11.91 -1.98
N LEU A 179 4.00 11.91 -1.99
CA LEU A 179 5.03 12.36 -2.83
CA LEU A 179 5.10 12.43 -2.81
C LEU A 179 5.25 13.88 -2.71
C LEU A 179 5.28 13.92 -2.64
N ARG A 180 4.18 14.64 -2.53
CA ARG A 180 4.26 16.10 -2.40
C ARG A 180 4.99 16.55 -1.13
N GLU A 181 5.16 15.65 -0.18
CA GLU A 181 5.92 15.92 1.05
C GLU A 181 7.31 15.28 1.01
N ARG A 182 7.65 14.68 -0.12
CA ARG A 182 8.96 14.10 -0.40
C ARG A 182 9.45 14.82 -1.64
N GLU A 183 9.35 16.15 -1.67
CA GLU A 183 9.58 16.91 -2.91
C GLU A 183 10.91 16.57 -3.57
N SER A 184 11.93 16.34 -2.74
CA SER A 184 13.23 15.91 -3.26
C SER A 184 13.24 14.60 -4.06
N ASP A 185 12.24 13.75 -3.83
CA ASP A 185 12.17 12.44 -4.49
C ASP A 185 11.41 12.49 -5.82
N ILE A 186 10.66 13.56 -6.04
CA ILE A 186 9.89 13.66 -7.27
C ILE A 186 10.82 13.59 -8.49
N MET A 187 11.86 14.43 -8.54
CA MET A 187 12.72 14.44 -9.72
C MET A 187 13.57 13.17 -9.81
N LEU A 188 13.97 12.61 -8.66
CA LEU A 188 14.72 11.38 -8.63
C LEU A 188 13.94 10.24 -9.27
N MET A 189 12.69 10.08 -8.83
CA MET A 189 11.83 9.04 -9.33
C MET A 189 11.40 9.34 -10.79
N ALA A 190 11.15 10.61 -11.12
CA ALA A 190 10.77 10.96 -12.48
C ALA A 190 11.87 10.58 -13.45
N GLU A 191 13.11 10.86 -13.07
N GLU A 191 13.10 10.87 -13.07
CA GLU A 191 14.22 10.54 -13.94
CA GLU A 191 14.24 10.54 -13.90
C GLU A 191 14.36 9.02 -14.08
C GLU A 191 14.34 9.02 -14.08
N TYR A 192 14.22 8.27 -12.99
CA TYR A 192 14.27 6.82 -13.05
C TYR A 192 13.20 6.27 -13.98
N PHE A 193 11.95 6.74 -13.81
CA PHE A 193 10.84 6.25 -14.63
C PHE A 193 11.02 6.65 -16.11
N ALA A 194 11.57 7.83 -16.35
CA ALA A 194 11.80 8.29 -17.71
C ALA A 194 12.83 7.42 -18.42
N ILE A 195 13.90 7.08 -17.71
CA ILE A 195 14.96 6.25 -18.27
C ILE A 195 14.41 4.88 -18.61
N GLN A 196 13.60 4.29 -17.74
N GLN A 196 13.61 4.32 -17.70
CA GLN A 196 13.09 2.97 -18.05
CA GLN A 196 12.98 3.03 -17.91
C GLN A 196 12.16 3.06 -19.28
C GLN A 196 12.15 3.05 -19.20
N MET A 197 11.40 4.14 -19.40
CA MET A 197 10.53 4.26 -20.57
C MET A 197 11.37 4.42 -21.85
N CYS A 198 12.47 5.15 -21.75
CA CYS A 198 13.37 5.26 -22.89
C CYS A 198 13.88 3.89 -23.33
N ARG A 199 14.20 3.01 -22.39
CA ARG A 199 14.58 1.64 -22.77
C ARG A 199 13.42 0.92 -23.47
N GLU A 200 12.21 1.13 -22.98
CA GLU A 200 11.06 0.40 -23.50
C GLU A 200 10.76 0.80 -24.94
N ILE A 201 10.94 2.06 -25.27
CA ILE A 201 10.67 2.54 -26.62
C ILE A 201 11.95 2.77 -27.45
N LYS A 202 13.08 2.30 -26.93
CA LYS A 202 14.35 2.20 -27.65
C LYS A 202 14.96 3.55 -28.03
N LEU A 203 14.79 4.53 -27.16
CA LEU A 203 15.52 5.77 -27.30
C LEU A 203 16.95 5.61 -26.73
N PRO A 204 17.94 6.21 -27.39
CA PRO A 204 19.31 5.98 -26.95
C PRO A 204 19.68 6.60 -25.60
N LEU A 205 19.04 7.70 -25.23
CA LEU A 205 19.39 8.43 -24.01
C LEU A 205 18.15 9.19 -23.58
N PHE A 206 17.92 9.30 -22.28
CA PHE A 206 16.91 10.26 -21.83
C PHE A 206 17.49 11.66 -21.93
N PRO A 207 16.81 12.56 -22.67
CA PRO A 207 17.45 13.87 -22.93
C PRO A 207 17.27 14.91 -21.85
N GLY A 208 16.64 14.55 -20.74
CA GLY A 208 16.49 15.45 -19.60
C GLY A 208 15.14 16.13 -19.57
N PHE A 209 14.88 16.81 -18.46
CA PHE A 209 13.70 17.61 -18.26
C PHE A 209 14.06 19.10 -18.32
N THR A 210 13.30 19.85 -19.10
CA THR A 210 13.44 21.30 -19.08
C THR A 210 13.01 21.86 -17.74
N GLU A 211 13.35 23.11 -17.46
CA GLU A 211 12.90 23.76 -16.25
C GLU A 211 11.34 23.85 -16.22
N ARG A 212 10.69 24.08 -17.36
CA ARG A 212 9.23 24.08 -17.42
C ARG A 212 8.68 22.71 -16.96
N ALA A 213 9.27 21.64 -17.47
CA ALA A 213 8.83 20.28 -17.07
C ALA A 213 9.02 20.05 -15.57
N ARG A 214 10.18 20.46 -15.05
CA ARG A 214 10.45 20.35 -13.64
C ARG A 214 9.46 21.15 -12.80
N GLU A 215 9.11 22.35 -13.24
CA GLU A 215 8.15 23.15 -12.51
C GLU A 215 6.83 22.39 -12.47
N THR A 216 6.44 21.82 -13.61
CA THR A 216 5.15 21.13 -13.71
C THR A 216 5.14 19.94 -12.76
N LEU A 217 6.20 19.13 -12.80
CA LEU A 217 6.30 17.99 -11.90
C LEU A 217 6.32 18.36 -10.42
N LEU A 218 7.05 19.41 -10.07
CA LEU A 218 7.22 19.73 -8.65
C LEU A 218 6.03 20.49 -8.06
N ASN A 219 5.27 21.15 -8.90
CA ASN A 219 4.11 21.93 -8.44
C ASN A 219 2.85 21.10 -8.31
N TYR A 220 2.78 19.99 -9.05
CA TYR A 220 1.58 19.16 -9.06
C TYR A 220 1.48 18.40 -7.76
N ARG A 221 0.26 18.18 -7.26
CA ARG A 221 0.16 17.61 -5.92
C ARG A 221 0.16 16.07 -5.87
N TRP A 222 0.13 15.41 -7.02
CA TRP A 222 0.25 13.93 -7.10
C TRP A 222 -0.74 13.21 -6.19
N PRO A 223 -2.04 13.39 -6.46
CA PRO A 223 -3.01 12.64 -5.66
C PRO A 223 -2.85 11.13 -5.81
N GLY A 224 -2.32 10.65 -6.92
CA GLY A 224 -2.02 9.24 -7.07
C GLY A 224 -0.58 8.84 -6.79
N ASN A 225 0.20 9.77 -6.26
CA ASN A 225 1.53 9.50 -5.74
C ASN A 225 2.40 8.77 -6.74
N ILE A 226 3.11 7.73 -6.33
CA ILE A 226 4.15 7.17 -7.20
C ILE A 226 3.56 6.47 -8.43
N ARG A 227 2.41 5.81 -8.29
CA ARG A 227 1.76 5.15 -9.42
C ARG A 227 1.44 6.19 -10.50
N GLU A 228 0.89 7.33 -10.08
CA GLU A 228 0.53 8.39 -11.00
C GLU A 228 1.77 9.02 -11.63
N LEU A 229 2.79 9.27 -10.84
CA LEU A 229 4.04 9.82 -11.37
C LEU A 229 4.61 8.91 -12.46
N LYS A 230 4.67 7.61 -12.22
CA LYS A 230 5.18 6.67 -13.22
C LYS A 230 4.39 6.80 -14.52
N ASN A 231 3.07 6.78 -14.43
CA ASN A 231 2.25 6.83 -15.64
C ASN A 231 2.41 8.14 -16.38
N VAL A 232 2.40 9.25 -15.66
CA VAL A 232 2.54 10.55 -16.27
C VAL A 232 3.90 10.65 -16.99
N VAL A 233 4.96 10.22 -16.32
CA VAL A 233 6.28 10.32 -16.91
C VAL A 233 6.41 9.40 -18.12
N GLU A 234 5.91 8.17 -18.04
CA GLU A 234 5.97 7.27 -19.19
C GLU A 234 5.22 7.82 -20.39
N ARG A 235 4.02 8.31 -20.16
CA ARG A 235 3.24 8.92 -21.23
C ARG A 235 3.99 10.11 -21.83
N SER A 236 4.54 10.96 -20.97
CA SER A 236 5.24 12.16 -21.44
C SER A 236 6.48 11.83 -22.28
N VAL A 237 7.24 10.84 -21.86
CA VAL A 237 8.39 10.40 -22.65
C VAL A 237 7.94 9.85 -24.00
N TYR A 238 6.89 9.03 -24.03
CA TYR A 238 6.39 8.48 -25.27
C TYR A 238 5.93 9.59 -26.21
N ARG A 239 5.18 10.56 -25.71
CA ARG A 239 4.66 11.61 -26.58
C ARG A 239 5.79 12.45 -27.10
N HIS A 240 6.81 12.67 -26.29
CA HIS A 240 7.98 13.45 -26.71
C HIS A 240 8.73 12.69 -27.80
N GLY A 241 9.09 11.45 -27.52
CA GLY A 241 9.51 10.50 -28.53
C GLY A 241 10.86 10.72 -29.20
N THR A 242 11.74 11.49 -28.57
CA THR A 242 13.03 11.81 -29.17
C THR A 242 14.08 12.03 -28.11
N SER A 243 15.34 11.73 -28.45
CA SER A 243 16.48 12.03 -27.62
C SER A 243 17.20 13.31 -28.08
N ASP A 244 16.67 13.97 -29.10
CA ASP A 244 17.36 15.12 -29.74
C ASP A 244 17.23 16.41 -28.96
N TYR A 245 16.22 16.51 -28.10
CA TYR A 245 16.09 17.69 -27.25
C TYR A 245 15.33 17.32 -25.97
N PRO A 246 15.47 18.13 -24.93
CA PRO A 246 14.93 17.75 -23.63
C PRO A 246 13.40 17.74 -23.63
N LEU A 247 12.86 16.95 -22.71
CA LEU A 247 11.43 16.82 -22.54
C LEU A 247 10.89 18.04 -21.83
N ASP A 248 9.94 18.70 -22.45
CA ASP A 248 9.38 19.96 -21.99
C ASP A 248 7.92 19.84 -21.55
N ASP A 249 7.18 18.94 -22.21
CA ASP A 249 5.72 18.82 -22.01
C ASP A 249 5.38 17.61 -21.15
N ILE A 250 5.05 17.89 -19.91
CA ILE A 250 4.60 16.86 -18.97
C ILE A 250 3.09 16.78 -19.07
N ILE A 251 2.60 15.61 -19.44
CA ILE A 251 1.18 15.42 -19.74
C ILE A 251 0.52 14.80 -18.53
N ILE A 252 0.07 15.64 -17.60
CA ILE A 252 -0.56 15.16 -16.39
C ILE A 252 -1.92 14.54 -16.70
N ASP A 253 -2.69 15.21 -17.56
CA ASP A 253 -4.10 14.88 -17.81
C ASP A 253 -4.25 14.46 -19.26
N PRO A 254 -4.38 13.16 -19.53
CA PRO A 254 -4.50 12.73 -20.93
C PRO A 254 -5.90 12.93 -21.51
N PHE A 255 -6.84 13.37 -20.68
CA PHE A 255 -8.22 13.61 -21.15
C PHE A 255 -8.36 15.01 -21.74
N LYS A 256 -7.24 15.72 -21.85
CA LYS A 256 -7.16 17.03 -22.52
C LYS A 256 -6.66 16.92 -23.96
N ARG A 257 -7.27 17.69 -24.86
CA ARG A 257 -6.80 17.76 -26.24
C ARG A 257 -5.54 18.61 -26.32
#